data_6JFW
#
_entry.id   6JFW
#
_cell.length_a   28.436
_cell.length_b   47.727
_cell.length_c   99.691
_cell.angle_alpha   89.98
_cell.angle_beta   90.03
_cell.angle_gamma   90.04
#
_symmetry.space_group_name_H-M   'P 1'
#
loop_
_entity.id
_entity.type
_entity.pdbx_description
1 polymer 'PA0833-PD protein'
2 water water
#
_entity_poly.entity_id   1
_entity_poly.type   'polypeptide(L)'
_entity_poly.pdbx_seq_one_letter_code
;GSDKQEAELRRQMEGTGVEVQRQGDDIKLIMPGNITFATDSANIAPSFYAPLNNLANSFKQYNQNTIEIVGYTDSTGSRQ
HNMDLSQRRAQSVAGYLTAQGVDGTRLSTRGMGPDQPIASNSTADGRAQNRRVEVNLRPVPGAQGPAQTQPQYGHHHHHH
;
_entity_poly.pdbx_strand_id   A,B,C,D
#
# COMPACT_ATOMS: atom_id res chain seq x y z
N GLY A 1 7.46 -12.73 -21.07
CA GLY A 1 7.15 -14.14 -20.89
C GLY A 1 8.35 -15.05 -20.72
N SER A 2 8.35 -16.21 -21.38
CA SER A 2 7.33 -16.60 -22.36
C SER A 2 5.98 -16.92 -21.71
N ASP A 3 5.99 -17.48 -20.51
CA ASP A 3 4.76 -17.79 -19.81
C ASP A 3 3.94 -16.54 -19.53
N LYS A 4 4.61 -15.44 -19.20
CA LYS A 4 3.92 -14.25 -18.74
C LYS A 4 3.21 -13.54 -19.89
N GLN A 5 3.90 -13.36 -21.01
CA GLN A 5 3.25 -12.76 -22.17
C GLN A 5 2.10 -13.62 -22.66
N GLU A 6 2.27 -14.94 -22.65
CA GLU A 6 1.20 -15.83 -23.10
C GLU A 6 -0.06 -15.62 -22.26
N ALA A 7 0.09 -15.55 -20.94
CA ALA A 7 -1.06 -15.33 -20.07
C ALA A 7 -1.67 -13.96 -20.29
N GLU A 8 -0.84 -12.95 -20.50
CA GLU A 8 -1.36 -11.62 -20.81
C GLU A 8 -2.10 -11.60 -22.14
N LEU A 9 -1.58 -12.33 -23.14
CA LEU A 9 -2.25 -12.37 -24.43
C LEU A 9 -3.58 -13.11 -24.34
N ARG A 10 -3.63 -14.23 -23.61
CA ARG A 10 -4.88 -14.96 -23.46
C ARG A 10 -5.95 -14.08 -22.84
N ARG A 11 -5.59 -13.28 -21.85
CA ARG A 11 -6.57 -12.39 -21.22
C ARG A 11 -7.07 -11.35 -22.20
N GLN A 12 -6.15 -10.67 -22.90
CA GLN A 12 -6.55 -9.60 -23.81
C GLN A 12 -7.36 -10.12 -24.99
N MET A 13 -7.08 -11.32 -25.46
CA MET A 13 -7.75 -11.85 -26.65
C MET A 13 -9.05 -12.58 -26.31
N GLU A 14 -9.41 -12.64 -25.03
CA GLU A 14 -10.69 -13.24 -24.63
C GLU A 14 -11.84 -12.63 -25.42
N GLY A 15 -12.65 -13.48 -26.03
CA GLY A 15 -13.85 -13.05 -26.72
C GLY A 15 -13.65 -12.34 -28.02
N THR A 16 -12.42 -12.21 -28.52
CA THR A 16 -12.17 -11.55 -29.79
C THR A 16 -12.26 -12.50 -30.98
N GLY A 17 -12.20 -13.81 -30.74
CA GLY A 17 -12.05 -14.76 -31.81
C GLY A 17 -10.62 -15.06 -32.20
N VAL A 18 -9.65 -14.37 -31.62
CA VAL A 18 -8.24 -14.67 -31.84
C VAL A 18 -7.84 -15.83 -30.94
N GLU A 19 -7.25 -16.87 -31.54
CA GLU A 19 -6.77 -17.99 -30.77
C GLU A 19 -5.29 -17.84 -30.44
N VAL A 20 -4.93 -18.25 -29.23
CA VAL A 20 -3.57 -18.18 -28.74
C VAL A 20 -3.09 -19.61 -28.54
N GLN A 21 -2.00 -19.97 -29.21
CA GLN A 21 -1.45 -21.32 -29.13
C GLN A 21 -0.03 -21.27 -28.59
N ARG A 22 0.21 -22.07 -27.56
CA ARG A 22 1.56 -22.38 -27.12
C ARG A 22 2.13 -23.47 -28.02
N GLN A 23 3.28 -23.19 -28.64
CA GLN A 23 3.89 -24.09 -29.62
C GLN A 23 5.37 -24.23 -29.26
N GLY A 24 5.65 -25.08 -28.28
CA GLY A 24 7.02 -25.23 -27.80
C GLY A 24 7.52 -23.90 -27.27
N ASP A 25 8.65 -23.45 -27.80
CA ASP A 25 9.22 -22.17 -27.39
C ASP A 25 8.39 -20.98 -27.84
N ASP A 26 7.52 -21.16 -28.83
CA ASP A 26 6.86 -20.05 -29.51
C ASP A 26 5.43 -19.86 -29.03
N ILE A 27 4.93 -18.64 -29.26
CA ILE A 27 3.52 -18.31 -29.12
C ILE A 27 2.99 -17.98 -30.51
N LYS A 28 1.85 -18.59 -30.87
CA LYS A 28 1.22 -18.35 -32.15
C LYS A 28 -0.18 -17.79 -31.93
N LEU A 29 -0.50 -16.73 -32.64
CA LEU A 29 -1.83 -16.11 -32.60
C LEU A 29 -2.52 -16.34 -33.94
N ILE A 30 -3.66 -17.03 -33.92
CA ILE A 30 -4.46 -17.27 -35.11
C ILE A 30 -5.53 -16.19 -35.18
N MET A 31 -5.51 -15.41 -36.25
CA MET A 31 -6.51 -14.38 -36.47
C MET A 31 -7.37 -14.76 -37.66
N PRO A 32 -8.57 -15.28 -37.44
CA PRO A 32 -9.40 -15.74 -38.57
C PRO A 32 -9.76 -14.59 -39.50
N GLY A 33 -9.83 -14.89 -40.79
CA GLY A 33 -10.12 -13.86 -41.78
C GLY A 33 -11.47 -13.19 -41.57
N ASN A 34 -12.47 -13.98 -41.14
CA ASN A 34 -13.84 -13.46 -41.07
C ASN A 34 -14.01 -12.39 -40.00
N ILE A 35 -13.08 -12.27 -39.05
CA ILE A 35 -13.16 -11.24 -38.02
C ILE A 35 -12.04 -10.21 -38.12
N THR A 36 -10.98 -10.50 -38.87
CA THR A 36 -9.87 -9.57 -39.00
C THR A 36 -10.08 -8.59 -40.15
N PHE A 37 -10.69 -9.06 -41.24
CA PHE A 37 -10.81 -8.26 -42.46
C PHE A 37 -12.27 -8.06 -42.81
N ALA A 38 -12.53 -6.97 -43.51
CA ALA A 38 -13.83 -6.69 -44.03
C ALA A 38 -13.97 -7.42 -45.40
N THR A 39 -14.94 -8.29 -45.50
CA THR A 39 -15.16 -9.04 -46.75
C THR A 39 -13.93 -9.83 -47.20
N ASP A 40 -13.64 -9.80 -48.48
CA ASP A 40 -12.51 -10.52 -48.99
C ASP A 40 -11.39 -9.54 -49.25
N SER A 41 -11.48 -8.40 -48.62
CA SER A 41 -10.50 -7.34 -48.81
C SER A 41 -9.29 -7.57 -47.91
N ALA A 42 -8.30 -6.70 -48.04
CA ALA A 42 -7.18 -6.63 -47.11
C ALA A 42 -7.30 -5.45 -46.16
N ASN A 43 -8.46 -4.79 -46.11
CA ASN A 43 -8.72 -3.77 -45.10
C ASN A 43 -9.06 -4.44 -43.78
N ILE A 44 -8.55 -3.87 -42.69
CA ILE A 44 -8.85 -4.39 -41.36
C ILE A 44 -10.27 -4.04 -40.98
N ALA A 45 -10.97 -4.99 -40.37
CA ALA A 45 -12.36 -4.78 -39.99
C ALA A 45 -12.44 -3.80 -38.82
N PRO A 46 -13.47 -2.95 -38.79
CA PRO A 46 -13.55 -1.91 -37.73
C PRO A 46 -13.43 -2.47 -36.33
N SER A 47 -14.09 -3.60 -36.06
CA SER A 47 -14.11 -4.29 -34.77
C SER A 47 -12.76 -4.85 -34.36
N PHE A 48 -11.81 -4.98 -35.28
CA PHE A 48 -10.53 -5.60 -34.94
C PHE A 48 -9.45 -4.58 -34.64
N TYR A 49 -9.77 -3.28 -34.72
CA TYR A 49 -8.80 -2.25 -34.41
C TYR A 49 -8.31 -2.36 -32.98
N ALA A 50 -9.23 -2.49 -32.03
CA ALA A 50 -8.86 -2.48 -30.62
C ALA A 50 -8.12 -3.76 -30.22
N PRO A 51 -8.53 -4.95 -30.67
CA PRO A 51 -7.67 -6.12 -30.46
C PRO A 51 -6.25 -5.93 -30.97
N LEU A 52 -6.10 -5.36 -32.17
CA LEU A 52 -4.75 -5.09 -32.69
C LEU A 52 -4.02 -4.06 -31.84
N ASN A 53 -4.74 -3.06 -31.33
CA ASN A 53 -4.13 -2.11 -30.40
C ASN A 53 -3.54 -2.82 -29.19
N ASN A 54 -4.29 -3.77 -28.63
CA ASN A 54 -3.80 -4.53 -27.48
C ASN A 54 -2.58 -5.37 -27.85
N LEU A 55 -2.61 -6.00 -29.03
CA LEU A 55 -1.47 -6.79 -29.49
C LEU A 55 -0.23 -5.92 -29.61
N ALA A 56 -0.36 -4.73 -30.19
CA ALA A 56 0.79 -3.84 -30.36
C ALA A 56 1.38 -3.47 -29.00
N ASN A 57 0.53 -3.21 -28.00
CA ASN A 57 1.04 -2.88 -26.67
C ASN A 57 1.80 -4.05 -26.07
N SER A 58 1.30 -5.28 -26.26
CA SER A 58 2.01 -6.45 -25.76
C SER A 58 3.36 -6.60 -26.43
N PHE A 59 3.40 -6.52 -27.76
CA PHE A 59 4.65 -6.65 -28.49
C PHE A 59 5.67 -5.59 -28.05
N LYS A 60 5.20 -4.36 -27.85
CA LYS A 60 6.09 -3.29 -27.39
C LYS A 60 6.62 -3.55 -26.00
N GLN A 61 5.82 -4.18 -25.15
CA GLN A 61 6.23 -4.43 -23.77
C GLN A 61 7.19 -5.61 -23.68
N TYR A 62 6.94 -6.67 -24.44
CA TYR A 62 7.77 -7.87 -24.44
C TYR A 62 8.71 -7.81 -25.64
N ASN A 63 9.90 -7.29 -25.40
CA ASN A 63 10.82 -6.93 -26.48
C ASN A 63 11.72 -8.06 -26.94
N GLN A 64 11.73 -9.20 -26.25
CA GLN A 64 12.71 -10.24 -26.50
C GLN A 64 12.16 -11.37 -27.38
N ASN A 65 11.46 -11.02 -28.46
CA ASN A 65 11.11 -12.02 -29.46
C ASN A 65 11.00 -11.34 -30.82
N THR A 66 11.09 -12.16 -31.87
CA THR A 66 10.79 -11.70 -33.21
C THR A 66 9.31 -11.92 -33.49
N ILE A 67 8.78 -11.09 -34.38
CA ILE A 67 7.37 -11.13 -34.75
C ILE A 67 7.29 -11.48 -36.23
N GLU A 68 6.69 -12.63 -36.53
CA GLU A 68 6.54 -13.12 -37.89
C GLU A 68 5.05 -13.16 -38.22
N ILE A 69 4.65 -12.37 -39.21
CA ILE A 69 3.25 -12.28 -39.62
C ILE A 69 3.09 -13.04 -40.93
N VAL A 70 2.21 -14.03 -40.93
CA VAL A 70 2.07 -14.94 -42.06
C VAL A 70 0.61 -14.99 -42.46
N GLY A 71 0.33 -14.71 -43.73
CA GLY A 71 -1.01 -14.79 -44.27
C GLY A 71 -1.26 -16.12 -44.94
N TYR A 72 -2.51 -16.59 -44.85
CA TYR A 72 -2.90 -17.85 -45.45
C TYR A 72 -4.24 -17.70 -46.15
N THR A 73 -4.49 -18.59 -47.11
CA THR A 73 -5.78 -18.68 -47.77
C THR A 73 -6.21 -20.15 -47.83
N ASP A 74 -7.42 -20.35 -48.34
CA ASP A 74 -7.89 -21.67 -48.73
C ASP A 74 -7.28 -22.01 -50.09
N SER A 75 -7.69 -23.13 -50.67
CA SER A 75 -7.07 -23.62 -51.90
C SER A 75 -7.88 -23.29 -53.16
N THR A 76 -8.98 -22.56 -53.04
CA THR A 76 -9.73 -22.14 -54.22
C THR A 76 -8.92 -21.12 -55.01
N GLY A 77 -8.87 -21.31 -56.32
CA GLY A 77 -8.19 -20.35 -57.18
C GLY A 77 -6.73 -20.66 -57.40
N SER A 78 -6.07 -19.73 -58.10
CA SER A 78 -4.69 -19.91 -58.50
C SER A 78 -3.76 -19.77 -57.31
N ARG A 79 -2.67 -20.54 -57.33
CA ARG A 79 -1.68 -20.44 -56.26
C ARG A 79 -1.03 -19.06 -56.26
N GLN A 80 -0.62 -18.57 -57.44
CA GLN A 80 -0.06 -17.23 -57.53
C GLN A 80 -1.00 -16.19 -56.95
N HIS A 81 -2.29 -16.28 -57.30
CA HIS A 81 -3.25 -15.28 -56.83
C HIS A 81 -3.46 -15.37 -55.33
N ASN A 82 -3.47 -16.59 -54.78
CA ASN A 82 -3.66 -16.77 -53.35
C ASN A 82 -2.46 -16.24 -52.56
N MET A 83 -1.25 -16.51 -53.04
CA MET A 83 -0.06 -15.96 -52.41
C MET A 83 -0.13 -14.43 -52.39
N ASP A 84 -0.52 -13.85 -53.52
CA ASP A 84 -0.77 -12.41 -53.62
C ASP A 84 -1.75 -11.94 -52.54
N LEU A 85 -2.94 -12.56 -52.52
CA LEU A 85 -3.97 -12.15 -51.58
C LEU A 85 -3.51 -12.31 -50.14
N SER A 86 -2.83 -13.41 -49.83
CA SER A 86 -2.37 -13.65 -48.47
C SER A 86 -1.26 -12.66 -48.08
N GLN A 87 -0.37 -12.36 -49.03
CA GLN A 87 0.63 -11.33 -48.79
C GLN A 87 0.00 -9.98 -48.47
N ARG A 88 -1.07 -9.63 -49.20
CA ARG A 88 -1.76 -8.36 -48.95
C ARG A 88 -2.30 -8.29 -47.53
N ARG A 89 -2.84 -9.39 -47.03
CA ARG A 89 -3.46 -9.38 -45.71
C ARG A 89 -2.42 -9.30 -44.60
N ALA A 90 -1.29 -9.99 -44.78
CA ALA A 90 -0.20 -9.88 -43.81
C ALA A 90 0.39 -8.47 -43.81
N GLN A 91 0.47 -7.84 -45.00
CA GLN A 91 0.95 -6.46 -45.09
C GLN A 91 0.10 -5.52 -44.26
N SER A 92 -1.23 -5.66 -44.36
CA SER A 92 -2.14 -4.74 -43.68
C SER A 92 -1.98 -4.84 -42.16
N VAL A 93 -1.90 -6.06 -41.64
CA VAL A 93 -1.73 -6.25 -40.20
C VAL A 93 -0.40 -5.66 -39.74
N ALA A 94 0.67 -5.93 -40.49
CA ALA A 94 1.98 -5.39 -40.14
C ALA A 94 2.00 -3.87 -40.21
N GLY A 95 1.38 -3.30 -41.24
CA GLY A 95 1.31 -1.85 -41.36
C GLY A 95 0.57 -1.21 -40.21
N TYR A 96 -0.52 -1.85 -39.76
CA TYR A 96 -1.26 -1.34 -38.61
C TYR A 96 -0.41 -1.38 -37.35
N LEU A 97 0.23 -2.52 -37.09
CA LEU A 97 1.05 -2.66 -35.88
C LEU A 97 2.19 -1.64 -35.85
N THR A 98 2.80 -1.37 -37.01
CA THR A 98 3.87 -0.39 -37.05
C THR A 98 3.33 1.02 -36.83
N ALA A 99 2.14 1.31 -37.36
CA ALA A 99 1.51 2.61 -37.09
C ALA A 99 1.25 2.80 -35.61
N GLN A 100 1.03 1.71 -34.87
CA GLN A 100 0.81 1.78 -33.43
C GLN A 100 2.09 1.88 -32.63
N GLY A 101 3.26 1.84 -33.28
CA GLY A 101 4.51 2.04 -32.59
C GLY A 101 5.39 0.81 -32.43
N VAL A 102 4.98 -0.34 -32.98
CA VAL A 102 5.85 -1.51 -32.96
C VAL A 102 7.01 -1.27 -33.92
N ASP A 103 8.23 -1.51 -33.44
CA ASP A 103 9.43 -1.32 -34.25
C ASP A 103 9.34 -2.18 -35.51
N GLY A 104 9.41 -1.53 -36.67
CA GLY A 104 9.30 -2.26 -37.92
C GLY A 104 10.40 -3.28 -38.12
N THR A 105 11.57 -3.04 -37.53
CA THR A 105 12.70 -3.97 -37.64
C THR A 105 12.46 -5.27 -36.88
N ARG A 106 11.46 -5.33 -36.01
CA ARG A 106 11.14 -6.58 -35.34
C ARG A 106 10.17 -7.46 -36.12
N LEU A 107 9.64 -6.95 -37.23
CA LEU A 107 8.57 -7.60 -37.98
C LEU A 107 9.09 -8.19 -39.28
N SER A 108 8.59 -9.37 -39.63
CA SER A 108 8.72 -9.91 -40.97
C SER A 108 7.35 -10.43 -41.39
N THR A 109 7.05 -10.34 -42.68
CA THR A 109 5.75 -10.78 -43.16
C THR A 109 5.89 -11.65 -44.41
N ARG A 110 5.02 -12.65 -44.50
CA ARG A 110 4.95 -13.53 -45.66
C ARG A 110 3.49 -13.76 -45.99
N GLY A 111 3.24 -14.07 -47.26
CA GLY A 111 2.03 -14.75 -47.69
C GLY A 111 2.42 -16.18 -48.00
N MET A 112 1.55 -17.12 -47.60
CA MET A 112 1.79 -18.53 -47.85
C MET A 112 0.72 -19.16 -48.72
N GLY A 113 -0.30 -18.39 -49.12
CA GLY A 113 -1.40 -18.91 -49.89
C GLY A 113 -2.01 -20.13 -49.24
N PRO A 114 -2.21 -21.18 -50.04
CA PRO A 114 -2.93 -22.36 -49.55
C PRO A 114 -2.07 -23.36 -48.79
N ASP A 115 -0.79 -23.07 -48.54
CA ASP A 115 0.05 -24.02 -47.83
C ASP A 115 -0.31 -24.07 -46.34
N GLN A 116 0.03 -25.19 -45.73
CA GLN A 116 -0.26 -25.46 -44.32
C GLN A 116 -1.72 -25.16 -43.94
N PRO A 117 -2.69 -25.79 -44.60
CA PRO A 117 -4.08 -25.61 -44.14
C PRO A 117 -4.23 -26.16 -42.73
N ILE A 118 -5.04 -25.47 -41.92
CA ILE A 118 -5.35 -25.98 -40.59
C ILE A 118 -6.64 -26.79 -40.58
N ALA A 119 -7.37 -26.83 -41.70
CA ALA A 119 -8.61 -27.58 -41.81
C ALA A 119 -8.77 -28.01 -43.25
N SER A 120 -9.80 -28.81 -43.51
CA SER A 120 -9.99 -29.36 -44.84
C SER A 120 -10.52 -28.31 -45.80
N ASN A 121 -9.91 -28.23 -46.97
CA ASN A 121 -10.39 -27.37 -48.05
C ASN A 121 -11.60 -27.94 -48.77
N SER A 122 -12.09 -29.11 -48.34
CA SER A 122 -13.25 -29.74 -48.97
C SER A 122 -14.58 -29.25 -48.42
N THR A 123 -14.58 -28.58 -47.28
CA THR A 123 -15.80 -28.05 -46.67
C THR A 123 -15.73 -26.54 -46.60
N ALA A 124 -16.90 -25.90 -46.58
CA ALA A 124 -16.95 -24.44 -46.58
C ALA A 124 -16.36 -23.86 -45.31
N ASP A 125 -16.70 -24.41 -44.15
CA ASP A 125 -16.14 -23.87 -42.92
C ASP A 125 -14.71 -24.33 -42.68
N GLY A 126 -14.27 -25.38 -43.36
CA GLY A 126 -12.84 -25.68 -43.37
C GLY A 126 -12.06 -24.66 -44.18
N ARG A 127 -12.55 -24.35 -45.38
CA ARG A 127 -11.92 -23.31 -46.19
C ARG A 127 -11.87 -21.98 -45.46
N ALA A 128 -12.95 -21.65 -44.75
CA ALA A 128 -13.00 -20.38 -44.03
C ALA A 128 -11.97 -20.34 -42.91
N GLN A 129 -11.74 -21.47 -42.25
CA GLN A 129 -10.72 -21.53 -41.20
C GLN A 129 -9.32 -21.33 -41.75
N ASN A 130 -9.08 -21.76 -42.99
CA ASN A 130 -7.75 -21.65 -43.56
C ASN A 130 -7.42 -20.22 -43.95
N ARG A 131 -8.44 -19.41 -44.26
CA ARG A 131 -8.24 -17.98 -44.51
C ARG A 131 -7.98 -17.31 -43.17
N ARG A 132 -6.72 -16.98 -42.90
CA ARG A 132 -6.33 -16.48 -41.59
C ARG A 132 -4.98 -15.78 -41.72
N VAL A 133 -4.66 -15.00 -40.70
CA VAL A 133 -3.32 -14.45 -40.52
C VAL A 133 -2.79 -14.99 -39.20
N GLU A 134 -1.54 -15.45 -39.21
CA GLU A 134 -0.89 -15.98 -38.02
C GLU A 134 0.26 -15.05 -37.62
N VAL A 135 0.36 -14.79 -36.31
CA VAL A 135 1.46 -14.02 -35.74
C VAL A 135 2.27 -14.97 -34.88
N ASN A 136 3.48 -15.28 -35.30
CA ASN A 136 4.38 -16.14 -34.54
C ASN A 136 5.37 -15.29 -33.76
N LEU A 137 5.47 -15.55 -32.45
CA LEU A 137 6.41 -14.88 -31.58
C LEU A 137 7.47 -15.89 -31.16
N ARG A 138 8.69 -15.70 -31.63
CA ARG A 138 9.79 -16.59 -31.37
C ARG A 138 10.83 -15.94 -30.48
N PRO A 139 11.23 -16.54 -29.36
CA PRO A 139 12.21 -15.90 -28.49
C PRO A 139 13.54 -15.73 -29.20
N VAL A 140 14.27 -14.70 -28.80
CA VAL A 140 15.63 -14.48 -29.28
C VAL A 140 16.56 -14.60 -28.08
N PRO A 141 17.85 -14.87 -28.32
CA PRO A 141 18.79 -14.80 -27.19
C PRO A 141 18.97 -13.38 -26.67
N GLY B 1 -20.25 11.55 -32.29
CA GLY B 1 -19.42 10.91 -33.29
C GLY B 1 -19.40 11.68 -34.60
N SER B 2 -18.54 12.69 -34.65
CA SER B 2 -17.62 12.95 -33.54
C SER B 2 -18.00 14.20 -32.76
N ASP B 3 -18.57 15.19 -33.45
CA ASP B 3 -18.92 16.44 -32.81
C ASP B 3 -20.02 16.28 -31.77
N LYS B 4 -20.97 15.37 -32.01
CA LYS B 4 -22.07 15.18 -31.08
C LYS B 4 -21.58 14.60 -29.76
N GLN B 5 -20.76 13.54 -29.82
CA GLN B 5 -20.22 12.97 -28.59
C GLN B 5 -19.35 13.98 -27.86
N GLU B 6 -18.56 14.76 -28.60
CA GLU B 6 -17.68 15.73 -27.96
C GLU B 6 -18.47 16.77 -27.20
N ALA B 7 -19.55 17.29 -27.80
CA ALA B 7 -20.38 18.28 -27.10
C ALA B 7 -21.05 17.66 -25.89
N GLU B 8 -21.47 16.40 -25.98
CA GLU B 8 -22.06 15.74 -24.83
C GLU B 8 -21.02 15.51 -23.74
N LEU B 9 -19.79 15.17 -24.12
CA LEU B 9 -18.74 14.96 -23.13
C LEU B 9 -18.36 16.25 -22.41
N ARG B 10 -18.28 17.37 -23.15
CA ARG B 10 -18.01 18.65 -22.50
C ARG B 10 -19.09 18.98 -21.48
N ARG B 11 -20.35 18.73 -21.81
CA ARG B 11 -21.44 18.94 -20.87
C ARG B 11 -21.24 18.11 -19.61
N GLN B 12 -21.05 16.80 -19.76
CA GLN B 12 -20.96 15.91 -18.61
C GLN B 12 -19.74 16.21 -17.76
N MET B 13 -18.64 16.65 -18.37
CA MET B 13 -17.40 16.84 -17.63
C MET B 13 -17.25 18.24 -17.05
N GLU B 14 -18.24 19.11 -17.26
CA GLU B 14 -18.17 20.45 -16.69
C GLU B 14 -18.00 20.40 -15.18
N GLY B 15 -17.01 21.13 -14.66
CA GLY B 15 -16.79 21.26 -13.24
C GLY B 15 -16.20 20.04 -12.56
N THR B 16 -15.80 19.01 -13.30
CA THR B 16 -15.16 17.84 -12.71
C THR B 16 -13.64 17.94 -12.68
N GLY B 17 -13.06 18.88 -13.42
CA GLY B 17 -11.62 18.92 -13.60
C GLY B 17 -11.12 18.11 -14.78
N VAL B 18 -11.98 17.35 -15.44
CA VAL B 18 -11.60 16.61 -16.64
C VAL B 18 -11.62 17.56 -17.83
N GLU B 19 -10.51 17.59 -18.57
CA GLU B 19 -10.43 18.37 -19.79
C GLU B 19 -10.87 17.55 -20.98
N VAL B 20 -11.53 18.18 -21.93
CA VAL B 20 -11.93 17.57 -23.19
C VAL B 20 -11.16 18.30 -24.29
N GLN B 21 -10.38 17.54 -25.05
CA GLN B 21 -9.55 18.11 -26.12
C GLN B 21 -10.00 17.53 -27.46
N ARG B 22 -10.28 18.44 -28.40
CA ARG B 22 -10.50 18.09 -29.79
C ARG B 22 -9.15 18.04 -30.48
N GLN B 23 -8.82 16.89 -31.09
CA GLN B 23 -7.48 16.65 -31.62
C GLN B 23 -7.62 16.00 -33.00
N GLY B 24 -7.92 16.84 -33.98
CA GLY B 24 -8.17 16.33 -35.33
C GLY B 24 -9.40 15.44 -35.32
N ASP B 25 -9.23 14.22 -35.86
CA ASP B 25 -10.34 13.28 -35.86
C ASP B 25 -10.58 12.66 -34.49
N ASP B 26 -9.73 12.94 -33.50
CA ASP B 26 -9.82 12.25 -32.22
C ASP B 26 -10.32 13.19 -31.13
N ILE B 27 -10.89 12.58 -30.09
CA ILE B 27 -11.21 13.25 -28.83
C ILE B 27 -10.27 12.71 -27.76
N LYS B 28 -9.70 13.61 -26.97
CA LYS B 28 -8.84 13.24 -25.87
C LYS B 28 -9.41 13.80 -24.57
N LEU B 29 -9.51 12.94 -23.55
CA LEU B 29 -9.93 13.35 -22.22
C LEU B 29 -8.73 13.28 -21.30
N ILE B 30 -8.42 14.39 -20.64
CA ILE B 30 -7.32 14.50 -19.69
C ILE B 30 -7.89 14.40 -18.29
N MET B 31 -7.49 13.38 -17.54
CA MET B 31 -7.99 13.20 -16.18
C MET B 31 -6.84 13.38 -15.20
N PRO B 32 -6.78 14.52 -14.49
CA PRO B 32 -5.66 14.75 -13.58
C PRO B 32 -5.64 13.72 -12.46
N GLY B 33 -4.42 13.33 -12.06
CA GLY B 33 -4.29 12.27 -11.07
C GLY B 33 -4.89 12.61 -9.73
N ASN B 34 -4.78 13.88 -9.31
CA ASN B 34 -5.33 14.26 -8.01
C ASN B 34 -6.85 14.39 -8.03
N ILE B 35 -7.47 14.37 -9.20
CA ILE B 35 -8.93 14.26 -9.31
C ILE B 35 -9.35 12.81 -9.36
N THR B 36 -8.59 11.99 -10.09
CA THR B 36 -9.00 10.66 -10.52
C THR B 36 -8.73 9.60 -9.47
N PHE B 37 -7.64 9.74 -8.71
CA PHE B 37 -7.19 8.69 -7.82
C PHE B 37 -7.05 9.21 -6.40
N ALA B 38 -7.09 8.28 -5.46
CA ALA B 38 -6.79 8.54 -4.07
C ALA B 38 -5.28 8.72 -4.00
N THR B 39 -4.81 9.52 -3.08
CA THR B 39 -3.41 9.87 -3.02
C THR B 39 -2.49 8.69 -3.03
N ASP B 40 -1.62 8.78 -4.00
CA ASP B 40 -0.60 7.81 -4.38
C ASP B 40 -1.02 6.36 -4.52
N SER B 41 -2.22 6.15 -4.99
CA SER B 41 -2.70 4.81 -5.24
C SER B 41 -3.30 4.72 -6.62
N ALA B 42 -3.62 3.52 -7.07
CA ALA B 42 -4.40 3.36 -8.28
C ALA B 42 -5.88 3.14 -7.99
N ASN B 43 -6.29 3.36 -6.74
CA ASN B 43 -7.71 3.34 -6.42
C ASN B 43 -8.38 4.60 -6.95
N ILE B 44 -9.50 4.43 -7.66
CA ILE B 44 -10.26 5.58 -8.13
C ILE B 44 -10.82 6.33 -6.93
N ALA B 45 -10.74 7.66 -6.99
CA ALA B 45 -11.19 8.48 -5.87
C ALA B 45 -12.71 8.49 -5.79
N PRO B 46 -13.28 8.54 -4.57
CA PRO B 46 -14.73 8.44 -4.43
C PRO B 46 -15.52 9.49 -5.20
N SER B 47 -15.02 10.72 -5.25
CA SER B 47 -15.72 11.79 -5.97
C SER B 47 -15.59 11.67 -7.48
N PHE B 48 -14.85 10.70 -7.99
CA PHE B 48 -14.71 10.52 -9.42
C PHE B 48 -15.54 9.35 -9.95
N TYR B 49 -16.29 8.66 -9.09
CA TYR B 49 -17.12 7.55 -9.54
C TYR B 49 -18.18 8.01 -10.53
N ALA B 50 -18.92 9.06 -10.18
CA ALA B 50 -20.02 9.48 -11.03
C ALA B 50 -19.51 10.08 -12.34
N PRO B 51 -18.45 10.90 -12.35
CA PRO B 51 -17.84 11.26 -13.65
C PRO B 51 -17.51 10.06 -14.53
N LEU B 52 -16.89 9.02 -13.95
CA LEU B 52 -16.56 7.85 -14.75
C LEU B 52 -17.81 7.12 -15.23
N ASN B 53 -18.87 7.09 -14.40
CA ASN B 53 -20.12 6.49 -14.83
C ASN B 53 -20.69 7.19 -16.06
N ASN B 54 -20.58 8.53 -16.11
CA ASN B 54 -21.03 9.27 -17.28
C ASN B 54 -20.19 8.93 -18.50
N LEU B 55 -18.87 8.87 -18.32
CA LEU B 55 -17.99 8.46 -19.41
C LEU B 55 -18.35 7.08 -19.92
N ALA B 56 -18.60 6.14 -19.01
CA ALA B 56 -19.00 4.79 -19.42
C ALA B 56 -20.28 4.83 -20.24
N ASN B 57 -21.24 5.67 -19.85
CA ASN B 57 -22.48 5.77 -20.59
C ASN B 57 -22.24 6.32 -22.00
N SER B 58 -21.40 7.35 -22.11
CA SER B 58 -21.08 7.92 -23.42
C SER B 58 -20.41 6.89 -24.32
N PHE B 59 -19.42 6.17 -23.78
CA PHE B 59 -18.72 5.16 -24.58
C PHE B 59 -19.68 4.07 -25.05
N LYS B 60 -20.60 3.65 -24.19
CA LYS B 60 -21.58 2.64 -24.57
C LYS B 60 -22.50 3.14 -25.66
N GLN B 61 -22.84 4.43 -25.62
CA GLN B 61 -23.75 5.01 -26.61
C GLN B 61 -23.05 5.19 -27.96
N TYR B 62 -21.79 5.63 -27.94
CA TYR B 62 -21.06 5.93 -29.17
C TYR B 62 -20.11 4.76 -29.45
N ASN B 63 -20.59 3.81 -30.25
CA ASN B 63 -19.89 2.55 -30.42
C ASN B 63 -18.68 2.65 -31.37
N GLN B 64 -18.65 3.65 -32.24
CA GLN B 64 -17.75 3.61 -33.40
C GLN B 64 -16.40 4.27 -33.12
N ASN B 65 -15.79 3.98 -31.98
CA ASN B 65 -14.41 4.38 -31.80
C ASN B 65 -13.72 3.37 -30.91
N THR B 66 -12.40 3.36 -30.98
CA THR B 66 -11.60 2.63 -30.01
C THR B 66 -11.30 3.53 -28.83
N ILE B 67 -11.01 2.90 -27.70
CA ILE B 67 -10.79 3.60 -26.44
C ILE B 67 -9.41 3.22 -25.96
N GLU B 68 -8.47 4.18 -25.98
CA GLU B 68 -7.11 3.98 -25.51
C GLU B 68 -6.91 4.76 -24.21
N ILE B 69 -6.55 4.05 -23.15
CA ILE B 69 -6.32 4.64 -21.83
C ILE B 69 -4.82 4.64 -21.58
N VAL B 70 -4.25 5.83 -21.40
CA VAL B 70 -2.80 5.99 -21.24
C VAL B 70 -2.52 6.67 -19.91
N GLY B 71 -1.66 6.06 -19.12
CA GLY B 71 -1.22 6.64 -17.86
C GLY B 71 0.09 7.39 -18.01
N TYR B 72 0.25 8.43 -17.20
CA TYR B 72 1.46 9.24 -17.21
C TYR B 72 1.88 9.61 -15.79
N THR B 73 3.17 9.90 -15.64
CA THR B 73 3.77 10.31 -14.39
C THR B 73 4.48 11.64 -14.59
N ASP B 74 4.95 12.23 -13.49
CA ASP B 74 6.00 13.22 -13.56
C ASP B 74 7.34 12.50 -13.64
N SER B 75 8.44 13.25 -13.75
CA SER B 75 9.73 12.65 -14.07
C SER B 75 10.52 12.19 -12.85
N THR B 76 10.01 12.42 -11.65
CA THR B 76 10.75 12.01 -10.44
C THR B 76 10.74 10.50 -10.30
N GLY B 77 11.79 9.98 -9.66
CA GLY B 77 11.91 8.55 -9.47
C GLY B 77 12.43 7.83 -10.71
N SER B 78 12.33 6.51 -10.66
CA SER B 78 12.90 5.65 -11.69
C SER B 78 11.93 5.47 -12.85
N ARG B 79 12.50 5.32 -14.03
CA ARG B 79 11.69 5.31 -15.25
C ARG B 79 10.84 4.05 -15.35
N GLN B 80 11.43 2.88 -15.06
CA GLN B 80 10.66 1.64 -15.08
C GLN B 80 9.64 1.60 -13.95
N HIS B 81 9.97 2.19 -12.79
CA HIS B 81 9.01 2.25 -11.68
C HIS B 81 7.88 3.22 -11.98
N ASN B 82 8.15 4.30 -12.72
CA ASN B 82 7.09 5.21 -13.12
C ASN B 82 6.21 4.59 -14.20
N MET B 83 6.82 3.84 -15.13
CA MET B 83 6.01 3.14 -16.13
C MET B 83 5.09 2.12 -15.49
N ASP B 84 5.49 1.57 -14.32
CA ASP B 84 4.63 0.62 -13.62
C ASP B 84 3.48 1.32 -12.91
N LEU B 85 3.77 2.42 -12.20
CA LEU B 85 2.70 3.19 -11.55
C LEU B 85 1.66 3.65 -12.56
N SER B 86 2.10 4.18 -13.70
CA SER B 86 1.17 4.68 -14.69
C SER B 86 0.40 3.55 -15.37
N GLN B 87 1.03 2.39 -15.52
CA GLN B 87 0.33 1.21 -16.02
C GLN B 87 -0.81 0.83 -15.08
N ARG B 88 -0.54 0.77 -13.77
CA ARG B 88 -1.57 0.44 -12.79
C ARG B 88 -2.74 1.40 -12.87
N ARG B 89 -2.45 2.70 -13.01
CA ARG B 89 -3.52 3.69 -13.00
C ARG B 89 -4.40 3.56 -14.24
N ALA B 90 -3.80 3.29 -15.41
CA ALA B 90 -4.58 3.11 -16.62
C ALA B 90 -5.44 1.85 -16.54
N GLN B 91 -4.89 0.77 -15.96
CA GLN B 91 -5.66 -0.45 -15.79
C GLN B 91 -6.86 -0.23 -14.88
N SER B 92 -6.66 0.51 -13.78
CA SER B 92 -7.74 0.72 -12.83
C SER B 92 -8.89 1.49 -13.46
N VAL B 93 -8.59 2.46 -14.30
CA VAL B 93 -9.65 3.18 -15.02
C VAL B 93 -10.36 2.24 -15.99
N ALA B 94 -9.60 1.42 -16.72
CA ALA B 94 -10.20 0.47 -17.64
C ALA B 94 -11.07 -0.54 -16.91
N GLY B 95 -10.59 -1.04 -15.77
CA GLY B 95 -11.38 -1.99 -15.00
C GLY B 95 -12.68 -1.40 -14.49
N TYR B 96 -12.65 -0.12 -14.10
CA TYR B 96 -13.88 0.53 -13.67
C TYR B 96 -14.86 0.66 -14.83
N LEU B 97 -14.38 1.07 -16.01
CA LEU B 97 -15.26 1.26 -17.15
C LEU B 97 -15.88 -0.07 -17.59
N THR B 98 -15.10 -1.16 -17.57
CA THR B 98 -15.65 -2.45 -17.95
C THR B 98 -16.66 -2.96 -16.93
N ALA B 99 -16.46 -2.64 -15.65
CA ALA B 99 -17.46 -3.01 -14.65
C ALA B 99 -18.77 -2.24 -14.86
N GLN B 100 -18.70 -1.05 -15.43
CA GLN B 100 -19.89 -0.28 -15.77
C GLN B 100 -20.56 -0.75 -17.05
N GLY B 101 -19.96 -1.69 -17.78
CA GLY B 101 -20.58 -2.26 -18.95
C GLY B 101 -19.94 -1.92 -20.28
N VAL B 102 -18.83 -1.20 -20.30
CA VAL B 102 -18.13 -0.97 -21.56
C VAL B 102 -17.50 -2.28 -22.00
N ASP B 103 -17.68 -2.61 -23.29
CA ASP B 103 -17.10 -3.81 -23.85
C ASP B 103 -15.58 -3.77 -23.71
N GLY B 104 -15.03 -4.74 -22.99
CA GLY B 104 -13.59 -4.74 -22.74
C GLY B 104 -12.76 -4.84 -24.00
N THR B 105 -13.34 -5.39 -25.07
CA THR B 105 -12.62 -5.55 -26.33
C THR B 105 -12.38 -4.21 -27.03
N ARG B 106 -13.11 -3.16 -26.67
CA ARG B 106 -12.87 -1.84 -27.24
C ARG B 106 -11.79 -1.06 -26.49
N LEU B 107 -11.21 -1.64 -25.44
CA LEU B 107 -10.27 -0.94 -24.57
C LEU B 107 -8.85 -1.48 -24.75
N SER B 108 -7.88 -0.56 -24.77
CA SER B 108 -6.47 -0.88 -24.61
C SER B 108 -5.87 0.10 -23.62
N THR B 109 -4.83 -0.32 -22.90
CA THR B 109 -4.22 0.50 -21.86
C THR B 109 -2.71 0.49 -21.97
N ARG B 110 -2.10 1.63 -21.62
CA ARG B 110 -0.65 1.76 -21.56
C ARG B 110 -0.25 2.60 -20.36
N GLY B 111 0.96 2.37 -19.89
CA GLY B 111 1.62 3.29 -18.98
C GLY B 111 2.84 3.89 -19.65
N MET B 112 2.84 5.21 -19.83
CA MET B 112 3.94 5.91 -20.49
C MET B 112 4.97 6.47 -19.52
N GLY B 113 4.73 6.38 -18.22
CA GLY B 113 5.61 6.98 -17.25
C GLY B 113 5.79 8.47 -17.51
N PRO B 114 7.04 8.92 -17.56
CA PRO B 114 7.33 10.35 -17.72
C PRO B 114 7.45 10.86 -19.15
N ASP B 115 7.11 10.06 -20.17
CA ASP B 115 7.15 10.59 -21.52
C ASP B 115 5.93 11.46 -21.79
N GLN B 116 6.04 12.27 -22.85
CA GLN B 116 5.05 13.28 -23.25
C GLN B 116 4.53 14.09 -22.07
N PRO B 117 5.38 14.71 -21.25
CA PRO B 117 4.87 15.61 -20.22
C PRO B 117 4.15 16.79 -20.87
N ILE B 118 3.03 17.20 -20.25
CA ILE B 118 2.28 18.34 -20.76
C ILE B 118 2.64 19.63 -20.05
N ALA B 119 3.46 19.58 -19.01
CA ALA B 119 3.93 20.78 -18.33
C ALA B 119 5.37 20.53 -17.86
N SER B 120 5.98 21.57 -17.32
CA SER B 120 7.35 21.47 -16.82
C SER B 120 7.39 20.62 -15.55
N ASN B 121 8.44 19.80 -15.43
CA ASN B 121 8.67 19.08 -14.20
C ASN B 121 9.46 19.90 -13.19
N SER B 122 9.66 21.19 -13.45
CA SER B 122 10.40 22.08 -12.56
C SER B 122 9.52 22.77 -11.53
N THR B 123 8.20 22.55 -11.55
CA THR B 123 7.33 23.11 -10.52
C THR B 123 6.39 22.02 -10.01
N ALA B 124 5.88 22.24 -8.80
CA ALA B 124 4.85 21.36 -8.26
C ALA B 124 3.56 21.46 -9.08
N ASP B 125 3.24 22.66 -9.58
CA ASP B 125 2.10 22.81 -10.48
C ASP B 125 2.24 21.94 -11.72
N GLY B 126 3.44 21.94 -12.31
CA GLY B 126 3.64 21.17 -13.53
C GLY B 126 3.70 19.67 -13.26
N ARG B 127 4.44 19.27 -12.22
CA ARG B 127 4.48 17.87 -11.84
C ARG B 127 3.08 17.32 -11.62
N ALA B 128 2.20 18.12 -11.01
CA ALA B 128 0.82 17.67 -10.80
C ALA B 128 0.08 17.49 -12.12
N GLN B 129 0.31 18.39 -13.08
CA GLN B 129 -0.34 18.27 -14.38
C GLN B 129 0.13 17.03 -15.13
N ASN B 130 1.40 16.65 -14.96
CA ASN B 130 1.93 15.50 -15.71
C ASN B 130 1.40 14.18 -15.16
N ARG B 131 1.09 14.12 -13.88
CA ARG B 131 0.43 12.94 -13.31
C ARG B 131 -1.02 12.94 -13.76
N ARG B 132 -1.34 12.10 -14.74
CA ARG B 132 -2.66 12.13 -15.35
C ARG B 132 -2.89 10.82 -16.09
N VAL B 133 -4.16 10.55 -16.36
CA VAL B 133 -4.57 9.51 -17.29
C VAL B 133 -5.30 10.17 -18.44
N GLU B 134 -4.97 9.76 -19.66
CA GLU B 134 -5.62 10.28 -20.86
C GLU B 134 -6.42 9.17 -21.53
N VAL B 135 -7.62 9.53 -21.98
CA VAL B 135 -8.49 8.63 -22.71
C VAL B 135 -8.60 9.17 -24.13
N ASN B 136 -8.07 8.42 -25.10
CA ASN B 136 -8.11 8.81 -26.50
C ASN B 136 -9.22 8.04 -27.21
N LEU B 137 -10.12 8.77 -27.89
CA LEU B 137 -11.17 8.17 -28.69
C LEU B 137 -10.84 8.38 -30.16
N ARG B 138 -10.66 7.28 -30.89
CA ARG B 138 -10.29 7.28 -32.29
C ARG B 138 -11.34 6.61 -33.14
N PRO B 139 -11.83 7.26 -34.19
CA PRO B 139 -12.86 6.63 -35.02
C PRO B 139 -12.33 5.38 -35.70
N VAL B 140 -13.23 4.41 -35.87
CA VAL B 140 -12.95 3.24 -36.69
C VAL B 140 -13.80 3.37 -37.95
N PRO B 141 -13.32 2.90 -39.11
CA PRO B 141 -14.19 2.97 -40.28
C PRO B 141 -15.36 1.99 -40.20
N GLY C 1 25.96 5.10 26.75
CA GLY C 1 25.28 5.46 27.97
C GLY C 1 25.70 6.79 28.58
N SER C 2 25.31 7.89 27.95
CA SER C 2 24.44 7.87 26.78
C SER C 2 25.22 8.09 25.49
N ASP C 3 26.34 8.79 25.60
CA ASP C 3 27.14 9.09 24.42
C ASP C 3 27.77 7.85 23.82
N LYS C 4 28.12 6.87 24.65
CA LYS C 4 28.76 5.66 24.14
C LYS C 4 27.79 4.83 23.31
N GLN C 5 26.56 4.62 23.81
CA GLN C 5 25.58 3.88 23.01
C GLN C 5 25.27 4.60 21.72
N GLU C 6 25.14 5.93 21.78
CA GLU C 6 24.85 6.69 20.56
C GLU C 6 25.95 6.48 19.52
N ALA C 7 27.21 6.55 19.94
CA ALA C 7 28.31 6.34 19.00
C ALA C 7 28.30 4.92 18.45
N GLU C 8 28.01 3.93 19.30
CA GLU C 8 27.96 2.56 18.83
C GLU C 8 26.76 2.33 17.91
N LEU C 9 25.64 3.02 18.16
CA LEU C 9 24.50 2.89 17.27
C LEU C 9 24.76 3.54 15.91
N ARG C 10 25.40 4.70 15.90
CA ARG C 10 25.71 5.36 14.62
C ARG C 10 26.58 4.48 13.74
N ARG C 11 27.57 3.81 14.34
CA ARG C 11 28.43 2.92 13.56
C ARG C 11 27.63 1.75 13.00
N GLN C 12 26.81 1.10 13.83
CA GLN C 12 26.05 -0.06 13.38
C GLN C 12 25.05 0.30 12.29
N MET C 13 24.43 1.47 12.40
CA MET C 13 23.37 1.85 11.46
C MET C 13 23.89 2.50 10.19
N GLU C 14 25.21 2.70 10.07
CA GLU C 14 25.75 3.31 8.86
C GLU C 14 25.33 2.51 7.63
N GLY C 15 24.79 3.21 6.64
CA GLY C 15 24.41 2.59 5.38
C GLY C 15 23.12 1.81 5.39
N THR C 16 22.42 1.73 6.52
CA THR C 16 21.17 0.99 6.59
C THR C 16 19.96 1.83 6.19
N GLY C 17 20.09 3.16 6.20
CA GLY C 17 18.95 4.03 6.05
C GLY C 17 18.30 4.44 7.35
N VAL C 18 18.72 3.86 8.47
CA VAL C 18 18.20 4.23 9.78
C VAL C 18 18.91 5.49 10.25
N GLU C 19 18.14 6.51 10.62
CA GLU C 19 18.69 7.73 11.19
C GLU C 19 18.82 7.61 12.71
N VAL C 20 19.87 8.21 13.24
CA VAL C 20 20.10 8.29 14.68
C VAL C 20 20.08 9.76 15.05
N GLN C 21 19.17 10.12 15.95
CA GLN C 21 19.03 11.50 16.41
C GLN C 21 19.36 11.59 17.89
N ARG C 22 20.26 12.50 18.22
CA ARG C 22 20.44 12.93 19.60
C ARG C 22 19.37 13.99 19.91
N GLN C 23 18.55 13.72 20.92
CA GLN C 23 17.44 14.61 21.27
C GLN C 23 17.51 14.84 22.78
N GLY C 24 18.42 15.71 23.19
CA GLY C 24 18.60 16.01 24.60
C GLY C 24 19.07 14.78 25.34
N ASP C 25 18.33 14.41 26.38
CA ASP C 25 18.68 13.21 27.14
C ASP C 25 18.50 11.94 26.31
N ASP C 26 17.63 11.97 25.31
CA ASP C 26 17.20 10.76 24.62
C ASP C 26 17.95 10.52 23.32
N ILE C 27 17.93 9.26 22.89
CA ILE C 27 18.36 8.84 21.57
C ILE C 27 17.12 8.39 20.81
N LYS C 28 16.96 8.86 19.58
CA LYS C 28 15.84 8.48 18.73
C LYS C 28 16.36 7.86 17.45
N LEU C 29 15.77 6.73 17.05
CA LEU C 29 16.11 6.05 15.82
C LEU C 29 14.91 6.11 14.88
N ILE C 30 15.13 6.65 13.68
CA ILE C 30 14.09 6.76 12.66
C ILE C 30 14.29 5.62 11.68
N MET C 31 13.30 4.75 11.57
CA MET C 31 13.35 3.64 10.61
C MET C 31 12.33 3.87 9.52
N PRO C 32 12.73 4.32 8.34
CA PRO C 32 11.76 4.62 7.27
C PRO C 32 11.00 3.38 6.85
N GLY C 33 9.71 3.59 6.54
CA GLY C 33 8.87 2.46 6.17
C GLY C 33 9.37 1.72 4.94
N ASN C 34 9.97 2.45 4.00
CA ASN C 34 10.33 1.85 2.71
C ASN C 34 11.47 0.86 2.82
N ILE C 35 12.27 0.92 3.88
CA ILE C 35 13.36 -0.04 4.08
C ILE C 35 13.06 -1.00 5.22
N THR C 36 12.12 -0.69 6.10
CA THR C 36 11.83 -1.54 7.25
C THR C 36 10.81 -2.61 6.94
N PHE C 37 9.83 -2.31 6.08
CA PHE C 37 8.72 -3.20 5.83
C PHE C 37 8.66 -3.56 4.35
N ALA C 38 8.05 -4.69 4.09
CA ALA C 38 7.78 -5.15 2.75
C ALA C 38 6.48 -4.50 2.26
N THR C 39 6.54 -3.71 1.21
CA THR C 39 5.35 -3.07 0.67
C THR C 39 4.58 -2.22 1.70
N ASP C 40 3.29 -2.36 1.75
CA ASP C 40 2.51 -1.62 2.71
C ASP C 40 2.11 -2.55 3.85
N SER C 41 2.78 -3.67 3.96
CA SER C 41 2.50 -4.66 4.98
C SER C 41 3.16 -4.28 6.31
N ALA C 42 2.87 -5.06 7.34
CA ALA C 42 3.59 -5.00 8.60
C ALA C 42 4.62 -6.12 8.72
N ASN C 43 4.92 -6.81 7.62
CA ASN C 43 6.00 -7.78 7.60
C ASN C 43 7.34 -7.05 7.48
N ILE C 44 8.31 -7.45 8.28
CA ILE C 44 9.63 -6.85 8.23
C ILE C 44 10.32 -7.27 6.94
N ALA C 45 10.98 -6.31 6.29
CA ALA C 45 11.64 -6.59 5.03
C ALA C 45 12.88 -7.46 5.25
N PRO C 46 13.20 -8.35 4.31
CA PRO C 46 14.31 -9.29 4.54
C PRO C 46 15.63 -8.61 4.85
N SER C 47 15.92 -7.51 4.16
CA SER C 47 17.18 -6.79 4.35
C SER C 47 17.28 -6.06 5.68
N PHE C 48 16.17 -5.92 6.41
CA PHE C 48 16.21 -5.22 7.68
C PHE C 48 16.36 -6.14 8.88
N TYR C 49 16.42 -7.45 8.66
CA TYR C 49 16.62 -8.39 9.75
C TYR C 49 17.91 -8.13 10.50
N ALA C 50 19.01 -7.98 9.76
CA ALA C 50 20.32 -7.86 10.39
C ALA C 50 20.50 -6.52 11.10
N PRO C 51 20.07 -5.38 10.52
CA PRO C 51 20.03 -4.15 11.32
C PRO C 51 19.25 -4.30 12.62
N LEU C 52 18.09 -4.95 12.58
CA LEU C 52 17.33 -5.17 13.80
C LEU C 52 18.08 -6.08 14.76
N ASN C 53 18.79 -7.08 14.23
CA ASN C 53 19.66 -7.90 15.08
C ASN C 53 20.67 -7.05 15.82
N ASN C 54 21.29 -6.10 15.11
CA ASN C 54 22.27 -5.22 15.74
C ASN C 54 21.63 -4.34 16.80
N LEU C 55 20.43 -3.82 16.51
CA LEU C 55 19.74 -3.00 17.50
C LEU C 55 19.43 -3.79 18.77
N ALA C 56 18.95 -5.03 18.61
CA ALA C 56 18.62 -5.85 19.78
C ALA C 56 19.85 -6.07 20.65
N ASN C 57 21.01 -6.31 20.03
CA ASN C 57 22.23 -6.50 20.81
C ASN C 57 22.61 -5.24 21.56
N SER C 58 22.47 -4.08 20.93
CA SER C 58 22.75 -2.82 21.61
C SER C 58 21.80 -2.61 22.79
N PHE C 59 20.50 -2.87 22.59
CA PHE C 59 19.54 -2.69 23.67
C PHE C 59 19.84 -3.62 24.85
N LYS C 60 20.22 -4.86 24.55
CA LYS C 60 20.57 -5.80 25.63
C LYS C 60 21.82 -5.35 26.38
N GLN C 61 22.77 -4.75 25.67
CA GLN C 61 24.03 -4.35 26.29
C GLN C 61 23.85 -3.13 27.18
N TYR C 62 23.03 -2.17 26.76
CA TYR C 62 22.78 -0.93 27.50
C TYR C 62 21.38 -1.01 28.09
N ASN C 63 21.27 -1.55 29.31
CA ASN C 63 19.97 -1.84 29.88
C ASN C 63 19.48 -0.77 30.86
N GLN C 64 20.01 0.46 30.77
CA GLN C 64 19.55 1.53 31.65
C GLN C 64 18.79 2.61 30.89
N ASN C 65 17.93 2.18 29.97
CA ASN C 65 16.95 3.08 29.36
C ASN C 65 15.69 2.28 29.04
N THR C 66 14.59 3.00 28.88
CA THR C 66 13.37 2.40 28.35
C THR C 66 13.37 2.51 26.84
N ILE C 67 12.62 1.61 26.21
CA ILE C 67 12.56 1.51 24.76
C ILE C 67 11.11 1.72 24.36
N GLU C 68 10.81 2.86 23.73
CA GLU C 68 9.47 3.14 23.22
C GLU C 68 9.49 3.04 21.70
N ILE C 69 8.64 2.18 21.16
CA ILE C 69 8.52 1.96 19.73
C ILE C 69 7.22 2.60 19.28
N VAL C 70 7.32 3.58 18.39
CA VAL C 70 6.19 4.40 17.97
C VAL C 70 6.08 4.32 16.44
N GLY C 71 4.91 3.91 15.97
CA GLY C 71 4.65 3.84 14.54
C GLY C 71 3.91 5.08 14.05
N TYR C 72 4.20 5.47 12.81
CA TYR C 72 3.60 6.65 12.21
C TYR C 72 3.19 6.34 10.77
N THR C 73 2.21 7.11 10.28
CA THR C 73 1.84 7.09 8.88
C THR C 73 1.84 8.51 8.33
N ASP C 74 1.55 8.60 7.04
CA ASP C 74 1.15 9.85 6.39
C ASP C 74 -0.32 10.10 6.72
N SER C 75 -0.92 11.11 6.09
CA SER C 75 -2.28 11.52 6.41
C SER C 75 -3.31 11.05 5.39
N THR C 76 -2.93 10.19 4.45
CA THR C 76 -3.91 9.61 3.55
C THR C 76 -4.82 8.65 4.30
N GLY C 77 -6.12 8.74 4.04
CA GLY C 77 -7.07 7.79 4.60
C GLY C 77 -7.55 8.16 5.98
N SER C 78 -8.33 7.23 6.55
CA SER C 78 -9.01 7.47 7.82
C SER C 78 -8.04 7.49 8.99
N ARG C 79 -8.41 8.25 10.01
CA ARG C 79 -7.53 8.40 11.17
C ARG C 79 -7.44 7.12 11.97
N GLN C 80 -8.57 6.43 12.17
CA GLN C 80 -8.52 5.15 12.87
C GLN C 80 -7.77 4.11 12.06
N HIS C 81 -7.97 4.08 10.74
CA HIS C 81 -7.27 3.10 9.93
C HIS C 81 -5.75 3.31 10.01
N ASN C 82 -5.30 4.56 10.00
CA ASN C 82 -3.88 4.85 10.09
C ASN C 82 -3.32 4.47 11.46
N MET C 83 -4.04 4.82 12.54
CA MET C 83 -3.62 4.40 13.87
C MET C 83 -3.48 2.89 13.93
N ASP C 84 -4.44 2.18 13.36
CA ASP C 84 -4.38 0.72 13.27
C ASP C 84 -3.14 0.27 12.51
N LEU C 85 -2.95 0.78 11.29
CA LEU C 85 -1.81 0.36 10.48
C LEU C 85 -0.48 0.68 11.17
N SER C 86 -0.38 1.87 11.77
CA SER C 86 0.86 2.25 12.45
C SER C 86 1.09 1.37 13.68
N GLN C 87 0.02 1.04 14.39
CA GLN C 87 0.14 0.13 15.53
C GLN C 87 0.66 -1.23 15.09
N ARG C 88 0.16 -1.74 13.96
CA ARG C 88 0.62 -3.02 13.43
C ARG C 88 2.12 -3.00 13.17
N ARG C 89 2.64 -1.89 12.66
CA ARG C 89 4.05 -1.83 12.30
C ARG C 89 4.94 -1.74 13.54
N ALA C 90 4.50 -1.00 14.56
CA ALA C 90 5.25 -0.96 15.82
C ALA C 90 5.25 -2.32 16.51
N GLN C 91 4.10 -3.00 16.52
CA GLN C 91 3.99 -4.37 17.01
C GLN C 91 5.02 -5.29 16.39
N SER C 92 5.14 -5.24 15.07
CA SER C 92 6.01 -6.15 14.33
C SER C 92 7.46 -5.94 14.72
N VAL C 93 7.88 -4.68 14.87
CA VAL C 93 9.24 -4.39 15.28
C VAL C 93 9.49 -4.85 16.71
N ALA C 94 8.55 -4.54 17.62
CA ALA C 94 8.70 -4.98 19.01
C ALA C 94 8.73 -6.50 19.11
N GLY C 95 7.89 -7.17 18.34
CA GLY C 95 7.87 -8.63 18.39
C GLY C 95 9.18 -9.24 17.91
N TYR C 96 9.79 -8.64 16.89
CA TYR C 96 11.09 -9.12 16.42
C TYR C 96 12.16 -8.91 17.48
N LEU C 97 12.18 -7.72 18.09
CA LEU C 97 13.20 -7.43 19.10
C LEU C 97 13.10 -8.37 20.28
N THR C 98 11.88 -8.71 20.70
CA THR C 98 11.72 -9.63 21.82
C THR C 98 12.10 -11.05 21.44
N ALA C 99 11.85 -11.45 20.19
CA ALA C 99 12.30 -12.75 19.74
C ALA C 99 13.82 -12.85 19.77
N GLN C 100 14.51 -11.71 19.61
CA GLN C 100 15.97 -11.69 19.66
C GLN C 100 16.52 -11.65 21.08
N GLY C 101 15.67 -11.55 22.10
CA GLY C 101 16.13 -11.60 23.48
C GLY C 101 16.04 -10.31 24.25
N VAL C 102 15.51 -9.24 23.66
CA VAL C 102 15.27 -8.02 24.41
C VAL C 102 14.13 -8.26 25.39
N ASP C 103 14.34 -7.89 26.65
CA ASP C 103 13.33 -8.09 27.68
C ASP C 103 12.07 -7.32 27.33
N GLY C 104 10.96 -8.06 27.16
CA GLY C 104 9.70 -7.43 26.79
C GLY C 104 9.22 -6.39 27.77
N THR C 105 9.63 -6.48 29.04
CA THR C 105 9.22 -5.50 30.04
C THR C 105 9.93 -4.17 29.90
N ARG C 106 10.92 -4.06 29.01
CA ARG C 106 11.55 -2.78 28.76
C ARG C 106 10.93 -2.05 27.58
N LEU C 107 9.99 -2.68 26.89
CA LEU C 107 9.41 -2.17 25.65
C LEU C 107 8.00 -1.65 25.89
N SER C 108 7.69 -0.53 25.26
CA SER C 108 6.32 -0.10 25.06
C SER C 108 6.13 0.23 23.59
N THR C 109 4.94 -0.01 23.07
CA THR C 109 4.65 0.26 21.67
C THR C 109 3.37 1.08 21.54
N ARG C 110 3.32 1.86 20.48
CA ARG C 110 2.23 2.80 20.26
C ARG C 110 2.20 3.14 18.77
N GLY C 111 1.01 3.10 18.19
CA GLY C 111 0.77 3.67 16.88
C GLY C 111 0.15 5.04 17.02
N MET C 112 0.71 6.01 16.29
CA MET C 112 0.27 7.39 16.37
C MET C 112 -0.35 7.88 15.07
N GLY C 113 -0.47 7.03 14.07
CA GLY C 113 -1.07 7.41 12.81
C GLY C 113 -0.42 8.63 12.19
N PRO C 114 -1.23 9.59 11.77
CA PRO C 114 -0.71 10.76 11.04
C PRO C 114 -0.16 11.87 11.93
N ASP C 115 -0.14 11.70 13.25
CA ASP C 115 0.34 12.78 14.11
C ASP C 115 1.85 12.91 14.04
N GLN C 116 2.32 14.10 14.42
CA GLN C 116 3.73 14.46 14.37
C GLN C 116 4.41 14.09 13.05
N PRO C 117 3.91 14.59 11.92
CA PRO C 117 4.63 14.38 10.66
C PRO C 117 6.01 15.03 10.72
N ILE C 118 7.01 14.32 10.18
CA ILE C 118 8.34 14.92 10.08
C ILE C 118 8.53 15.66 8.76
N ALA C 119 7.57 15.57 7.84
CA ALA C 119 7.65 16.25 6.56
C ALA C 119 6.23 16.50 6.07
N SER C 120 6.12 17.25 4.98
CA SER C 120 4.80 17.65 4.51
C SER C 120 4.05 16.50 3.87
N ASN C 121 2.77 16.40 4.20
CA ASN C 121 1.89 15.41 3.59
C ASN C 121 1.37 15.84 2.23
N SER C 122 1.83 16.98 1.70
CA SER C 122 1.38 17.44 0.40
C SER C 122 2.22 16.91 -0.76
N THR C 123 3.42 16.43 -0.49
CA THR C 123 4.29 15.83 -1.50
C THR C 123 4.40 14.32 -1.26
N ALA C 124 4.72 13.60 -2.34
CA ALA C 124 4.80 12.14 -2.23
C ALA C 124 6.01 11.71 -1.42
N ASP C 125 7.16 12.37 -1.58
CA ASP C 125 8.32 11.98 -0.79
C ASP C 125 8.25 12.54 0.62
N GLY C 126 7.40 13.52 0.88
CA GLY C 126 7.15 13.93 2.25
C GLY C 126 6.32 12.90 3.00
N ARG C 127 5.25 12.42 2.37
CA ARG C 127 4.43 11.39 3.00
C ARG C 127 5.18 10.08 3.16
N ALA C 128 6.04 9.74 2.19
CA ALA C 128 6.90 8.58 2.34
C ALA C 128 7.76 8.70 3.60
N GLN C 129 8.30 9.90 3.85
CA GLN C 129 9.11 10.10 5.05
C GLN C 129 8.28 9.93 6.32
N ASN C 130 7.01 10.31 6.30
CA ASN C 130 6.19 10.24 7.49
C ASN C 130 5.84 8.82 7.87
N ARG C 131 5.80 7.91 6.88
CA ARG C 131 5.61 6.49 7.15
C ARG C 131 6.91 5.93 7.72
N ARG C 132 6.93 5.69 9.02
CA ARG C 132 8.17 5.36 9.71
C ARG C 132 7.83 4.75 11.06
N VAL C 133 8.80 4.01 11.60
CA VAL C 133 8.78 3.60 12.99
C VAL C 133 9.93 4.30 13.70
N GLU C 134 9.64 4.85 14.87
CA GLU C 134 10.63 5.53 15.69
C GLU C 134 10.86 4.74 16.96
N VAL C 135 12.12 4.55 17.33
CA VAL C 135 12.50 3.91 18.57
C VAL C 135 13.16 4.97 19.44
N ASN C 136 12.50 5.30 20.55
CA ASN C 136 13.02 6.27 21.50
C ASN C 136 13.64 5.55 22.69
N LEU C 137 14.88 5.92 23.02
CA LEU C 137 15.59 5.39 24.17
C LEU C 137 15.73 6.51 25.20
N ARG C 138 15.11 6.33 26.35
CA ARG C 138 15.11 7.35 27.39
C ARG C 138 15.81 6.83 28.64
N PRO C 139 16.78 7.58 29.19
CA PRO C 139 17.47 7.10 30.39
C PRO C 139 16.50 6.90 31.54
N VAL C 140 16.86 5.98 32.43
CA VAL C 140 16.13 5.77 33.68
C VAL C 140 17.11 6.00 34.81
N PRO C 141 16.62 6.28 36.03
CA PRO C 141 17.59 6.40 37.13
C PRO C 141 18.22 5.08 37.49
N GLY D 1 -12.47 -2.04 27.51
CA GLY D 1 -12.86 -3.24 26.80
C GLY D 1 -14.33 -3.59 26.86
N SER D 2 -14.80 -4.10 28.01
CA SER D 2 -13.99 -4.27 29.21
C SER D 2 -13.08 -5.49 29.14
N ASP D 3 -13.58 -6.57 28.55
CA ASP D 3 -12.80 -7.79 28.42
C ASP D 3 -11.58 -7.59 27.53
N LYS D 4 -11.71 -6.75 26.50
CA LYS D 4 -10.58 -6.56 25.58
C LYS D 4 -9.43 -5.84 26.27
N GLN D 5 -9.72 -4.74 26.98
CA GLN D 5 -8.66 -4.05 27.71
C GLN D 5 -8.05 -4.93 28.79
N GLU D 6 -8.88 -5.72 29.48
CA GLU D 6 -8.36 -6.58 30.54
C GLU D 6 -7.38 -7.60 29.98
N ALA D 7 -7.74 -8.24 28.87
CA ALA D 7 -6.84 -9.21 28.25
C ALA D 7 -5.55 -8.56 27.80
N GLU D 8 -5.64 -7.34 27.26
CA GLU D 8 -4.44 -6.63 26.84
C GLU D 8 -3.59 -6.24 28.04
N LEU D 9 -4.23 -5.85 29.15
CA LEU D 9 -3.47 -5.50 30.36
C LEU D 9 -2.75 -6.71 30.94
N ARG D 10 -3.41 -7.87 30.96
CA ARG D 10 -2.74 -9.07 31.45
C ARG D 10 -1.52 -9.41 30.60
N ARG D 11 -1.63 -9.24 29.29
CA ARG D 11 -0.48 -9.44 28.40
C ARG D 11 0.65 -8.49 28.78
N GLN D 12 0.36 -7.20 28.87
CA GLN D 12 1.39 -6.20 29.12
C GLN D 12 2.03 -6.35 30.50
N MET D 13 1.25 -6.76 31.50
CA MET D 13 1.76 -6.80 32.86
C MET D 13 2.43 -8.13 33.21
N GLU D 14 2.44 -9.10 32.29
CA GLU D 14 3.05 -10.40 32.56
C GLU D 14 4.50 -10.22 32.99
N GLY D 15 4.86 -10.85 34.11
CA GLY D 15 6.24 -10.83 34.57
C GLY D 15 6.69 -9.54 35.20
N THR D 16 5.82 -8.56 35.37
CA THR D 16 6.21 -7.30 36.01
C THR D 16 5.98 -7.30 37.52
N GLY D 17 5.18 -8.23 38.03
CA GLY D 17 4.75 -8.17 39.41
C GLY D 17 3.47 -7.40 39.64
N VAL D 18 2.93 -6.77 38.61
CA VAL D 18 1.63 -6.12 38.69
C VAL D 18 0.55 -7.17 38.49
N GLU D 19 -0.38 -7.26 39.43
CA GLU D 19 -1.49 -8.19 39.31
C GLU D 19 -2.70 -7.47 38.74
N VAL D 20 -3.45 -8.18 37.90
CA VAL D 20 -4.64 -7.65 37.25
C VAL D 20 -5.83 -8.41 37.82
N GLN D 21 -6.78 -7.66 38.37
CA GLN D 21 -7.96 -8.24 39.00
C GLN D 21 -9.22 -7.81 38.27
N ARG D 22 -10.00 -8.77 37.84
CA ARG D 22 -11.35 -8.53 37.33
C ARG D 22 -12.29 -8.50 38.53
N GLN D 23 -13.03 -7.41 38.67
CA GLN D 23 -13.82 -7.13 39.88
C GLN D 23 -15.20 -6.63 39.42
N GLY D 24 -16.05 -7.57 38.99
CA GLY D 24 -17.34 -7.18 38.48
C GLY D 24 -17.19 -6.34 37.23
N ASP D 25 -17.83 -5.16 37.24
CA ASP D 25 -17.72 -4.24 36.11
C ASP D 25 -16.34 -3.62 35.99
N ASP D 26 -15.52 -3.67 37.05
CA ASP D 26 -14.28 -2.91 37.13
C ASP D 26 -13.06 -3.80 36.94
N ILE D 27 -11.97 -3.17 36.49
CA ILE D 27 -10.65 -3.76 36.47
C ILE D 27 -9.81 -3.09 37.53
N LYS D 28 -9.04 -3.89 38.28
CA LYS D 28 -8.17 -3.37 39.32
C LYS D 28 -6.75 -3.85 39.07
N LEU D 29 -5.80 -2.92 39.10
CA LEU D 29 -4.39 -3.22 38.99
C LEU D 29 -3.74 -3.00 40.35
N ILE D 30 -3.02 -4.02 40.84
CA ILE D 30 -2.33 -3.97 42.12
C ILE D 30 -0.85 -3.81 41.83
N MET D 31 -0.27 -2.70 42.28
CA MET D 31 1.15 -2.43 42.03
C MET D 31 1.91 -2.47 43.35
N PRO D 32 2.67 -3.54 43.62
CA PRO D 32 3.37 -3.63 44.91
C PRO D 32 4.39 -2.51 45.06
N GLY D 33 4.50 -2.02 46.30
CA GLY D 33 5.38 -0.88 46.55
C GLY D 33 6.83 -1.16 46.21
N ASN D 34 7.30 -2.38 46.47
CA ASN D 34 8.70 -2.70 46.18
C ASN D 34 8.96 -2.94 44.70
N ILE D 35 7.91 -3.10 43.90
CA ILE D 35 8.05 -3.12 42.44
C ILE D 35 8.02 -1.71 41.87
N THR D 36 7.22 -0.85 42.48
CA THR D 36 6.77 0.41 41.89
C THR D 36 7.67 1.58 42.25
N PHE D 37 8.19 1.60 43.47
CA PHE D 37 8.88 2.76 44.00
C PHE D 37 10.29 2.41 44.45
N ALA D 38 11.17 3.39 44.39
CA ALA D 38 12.45 3.28 45.06
C ALA D 38 12.21 3.25 46.58
N THR D 39 13.09 2.54 47.27
CA THR D 39 12.87 2.23 48.68
C THR D 39 12.66 3.50 49.52
N ASP D 40 11.64 3.45 50.39
CA ASP D 40 11.23 4.53 51.29
C ASP D 40 10.96 5.85 50.58
N SER D 41 10.72 5.85 49.27
CA SER D 41 10.46 7.08 48.55
C SER D 41 9.15 6.97 47.78
N ALA D 42 8.68 8.11 47.30
CA ALA D 42 7.60 8.17 46.31
C ALA D 42 8.13 8.34 44.90
N ASN D 43 9.43 8.16 44.68
CA ASN D 43 9.99 8.14 43.34
C ASN D 43 9.68 6.81 42.67
N ILE D 44 9.19 6.87 41.43
CA ILE D 44 8.96 5.65 40.68
C ILE D 44 10.28 4.92 40.46
N ALA D 45 10.25 3.60 40.58
CA ALA D 45 11.50 2.84 40.44
C ALA D 45 11.89 2.74 38.97
N PRO D 46 13.19 2.80 38.67
CA PRO D 46 13.64 2.78 37.26
C PRO D 46 13.12 1.61 36.45
N SER D 47 13.05 0.40 37.03
CA SER D 47 12.56 -0.75 36.28
C SER D 47 11.05 -0.76 36.09
N PHE D 48 10.34 0.22 36.63
CA PHE D 48 8.89 0.30 36.47
C PHE D 48 8.46 1.36 35.48
N TYR D 49 9.41 2.07 34.84
CA TYR D 49 9.04 3.09 33.87
C TYR D 49 8.31 2.48 32.69
N ALA D 50 8.86 1.41 32.11
CA ALA D 50 8.26 0.82 30.91
C ALA D 50 6.92 0.17 31.21
N PRO D 51 6.75 -0.56 32.32
CA PRO D 51 5.40 -0.99 32.70
C PRO D 51 4.39 0.16 32.76
N LEU D 52 4.76 1.28 33.41
CA LEU D 52 3.84 2.41 33.49
C LEU D 52 3.57 3.00 32.12
N ASN D 53 4.57 3.03 31.24
CA ASN D 53 4.36 3.52 29.88
C ASN D 53 3.32 2.68 29.16
N ASN D 54 3.33 1.36 29.38
CA ASN D 54 2.34 0.49 28.76
C ASN D 54 0.94 0.76 29.32
N LEU D 55 0.84 0.95 30.64
CA LEU D 55 -0.43 1.31 31.25
C LEU D 55 -0.97 2.62 30.68
N ALA D 56 -0.09 3.62 30.58
CA ALA D 56 -0.49 4.90 29.98
C ALA D 56 -1.04 4.71 28.57
N ASN D 57 -0.40 3.85 27.78
CA ASN D 57 -0.89 3.59 26.44
C ASN D 57 -2.26 2.94 26.46
N SER D 58 -2.46 1.96 27.32
CA SER D 58 -3.78 1.31 27.44
C SER D 58 -4.84 2.32 27.85
N PHE D 59 -4.52 3.19 28.81
CA PHE D 59 -5.50 4.16 29.29
C PHE D 59 -5.88 5.14 28.19
N LYS D 60 -4.89 5.61 27.42
CA LYS D 60 -5.17 6.52 26.31
C LYS D 60 -6.04 5.87 25.25
N GLN D 61 -5.87 4.56 25.04
CA GLN D 61 -6.62 3.86 23.99
C GLN D 61 -8.03 3.52 24.43
N TYR D 62 -8.20 3.15 25.71
CA TYR D 62 -9.53 2.80 26.24
C TYR D 62 -10.08 4.02 26.97
N ASN D 63 -10.76 4.88 26.20
CA ASN D 63 -11.22 6.17 26.68
C ASN D 63 -12.29 6.07 27.75
N GLN D 64 -13.04 4.98 27.82
CA GLN D 64 -14.36 5.00 28.44
C GLN D 64 -14.35 4.45 29.86
N ASN D 65 -13.42 4.93 30.68
CA ASN D 65 -13.51 4.63 32.10
C ASN D 65 -12.82 5.73 32.87
N THR D 66 -13.15 5.81 34.16
CA THR D 66 -12.40 6.67 35.05
C THR D 66 -11.24 5.88 35.66
N ILE D 67 -10.24 6.61 36.10
CA ILE D 67 -9.00 6.05 36.62
C ILE D 67 -8.82 6.55 38.03
N GLU D 68 -8.98 5.66 39.01
CA GLU D 68 -8.77 6.00 40.41
C GLU D 68 -7.49 5.33 40.89
N ILE D 69 -6.57 6.15 41.42
CA ILE D 69 -5.30 5.68 41.93
C ILE D 69 -5.34 5.80 43.45
N VAL D 70 -5.22 4.67 44.14
CA VAL D 70 -5.33 4.62 45.60
C VAL D 70 -4.01 4.08 46.16
N GLY D 71 -3.41 4.83 47.08
CA GLY D 71 -2.23 4.37 47.77
C GLY D 71 -2.59 3.70 49.09
N TYR D 72 -1.85 2.65 49.43
CA TYR D 72 -2.00 1.97 50.69
C TYR D 72 -0.65 1.75 51.34
N THR D 73 -0.71 1.30 52.58
CA THR D 73 0.45 1.24 53.44
C THR D 73 0.19 0.15 54.47
N ASP D 74 1.25 -0.36 55.09
CA ASP D 74 1.06 -1.34 56.16
C ASP D 74 0.58 -0.63 57.43
N SER D 75 0.41 -1.36 58.53
CA SER D 75 -0.25 -0.75 59.67
C SER D 75 0.71 -0.10 60.66
N THR D 76 2.00 -0.05 60.37
CA THR D 76 2.98 0.46 61.32
C THR D 76 3.20 1.96 61.15
N GLY D 77 3.53 2.61 62.26
CA GLY D 77 3.67 4.05 62.27
C GLY D 77 2.35 4.76 62.50
N SER D 78 2.39 6.08 62.37
CA SER D 78 1.21 6.90 62.65
C SER D 78 0.21 6.84 61.50
N ARG D 79 -1.07 6.94 61.87
CA ARG D 79 -2.15 6.80 60.90
C ARG D 79 -2.15 7.94 59.91
N GLN D 80 -2.10 9.18 60.41
CA GLN D 80 -2.09 10.34 59.52
C GLN D 80 -0.80 10.40 58.71
N HIS D 81 0.32 10.01 59.32
CA HIS D 81 1.59 9.95 58.60
C HIS D 81 1.53 8.93 57.47
N ASN D 82 0.89 7.79 57.73
CA ASN D 82 0.73 6.77 56.71
C ASN D 82 -0.26 7.21 55.62
N MET D 83 -1.30 7.95 56.01
CA MET D 83 -2.20 8.52 55.00
C MET D 83 -1.46 9.53 54.12
N ASP D 84 -0.43 10.19 54.67
CA ASP D 84 0.34 11.15 53.88
C ASP D 84 1.25 10.43 52.88
N LEU D 85 2.02 9.45 53.36
CA LEU D 85 2.93 8.73 52.49
C LEU D 85 2.20 8.02 51.36
N SER D 86 1.04 7.43 51.66
CA SER D 86 0.28 6.75 50.62
C SER D 86 -0.29 7.74 49.62
N GLN D 87 -0.69 8.93 50.09
CA GLN D 87 -1.15 9.97 49.17
C GLN D 87 -0.02 10.39 48.24
N ARG D 88 1.20 10.57 48.78
CA ARG D 88 2.35 10.92 47.95
C ARG D 88 2.57 9.89 46.85
N ARG D 89 2.47 8.60 47.19
CA ARG D 89 2.76 7.57 46.22
C ARG D 89 1.70 7.54 45.12
N ALA D 90 0.42 7.71 45.49
CA ALA D 90 -0.63 7.77 44.49
C ALA D 90 -0.46 8.99 43.58
N GLN D 91 -0.05 10.12 44.15
CA GLN D 91 0.22 11.31 43.35
C GLN D 91 1.33 11.07 42.34
N SER D 92 2.41 10.41 42.78
CA SER D 92 3.56 10.21 41.90
C SER D 92 3.22 9.33 40.71
N VAL D 93 2.40 8.30 40.93
CA VAL D 93 1.95 7.46 39.82
C VAL D 93 1.08 8.27 38.87
N ALA D 94 0.14 9.05 39.42
CA ALA D 94 -0.72 9.88 38.58
C ALA D 94 0.11 10.89 37.79
N GLY D 95 1.09 11.51 38.43
CA GLY D 95 1.94 12.47 37.73
C GLY D 95 2.73 11.83 36.59
N TYR D 96 3.19 10.59 36.79
CA TYR D 96 3.90 9.91 35.71
C TYR D 96 2.97 9.62 34.54
N LEU D 97 1.75 9.17 34.83
CA LEU D 97 0.81 8.84 33.75
C LEU D 97 0.41 10.09 32.98
N THR D 98 0.23 11.22 33.66
CA THR D 98 -0.14 12.45 32.96
C THR D 98 1.01 12.96 32.10
N ALA D 99 2.25 12.80 32.57
CA ALA D 99 3.40 13.18 31.77
C ALA D 99 3.52 12.32 30.51
N GLN D 100 3.03 11.08 30.57
CA GLN D 100 2.99 10.21 29.40
C GLN D 100 1.82 10.51 28.49
N GLY D 101 0.93 11.42 28.86
CA GLY D 101 -0.13 11.86 28.00
C GLY D 101 -1.53 11.43 28.37
N VAL D 102 -1.73 10.77 29.51
CA VAL D 102 -3.07 10.48 29.98
C VAL D 102 -3.73 11.80 30.38
N ASP D 103 -4.97 12.01 29.91
CA ASP D 103 -5.71 13.22 30.26
C ASP D 103 -5.88 13.30 31.77
N GLY D 104 -5.36 14.37 32.36
CA GLY D 104 -5.37 14.51 33.80
C GLY D 104 -6.77 14.54 34.40
N THR D 105 -7.77 14.98 33.62
CA THR D 105 -9.12 15.06 34.15
C THR D 105 -9.78 13.70 34.29
N ARG D 106 -9.17 12.63 33.78
CA ARG D 106 -9.70 11.30 33.98
C ARG D 106 -9.16 10.63 35.25
N LEU D 107 -8.26 11.29 35.96
CA LEU D 107 -7.56 10.71 37.10
C LEU D 107 -8.05 11.33 38.41
N SER D 108 -8.22 10.48 39.42
CA SER D 108 -8.33 10.92 40.80
C SER D 108 -7.36 10.10 41.64
N THR D 109 -6.90 10.69 42.74
CA THR D 109 -5.91 10.05 43.60
C THR D 109 -6.34 10.13 45.05
N ARG D 110 -5.91 9.14 45.82
CA ARG D 110 -6.35 8.99 47.19
C ARG D 110 -5.34 8.18 47.98
N GLY D 111 -5.12 8.57 49.23
CA GLY D 111 -4.23 7.82 50.10
C GLY D 111 -4.99 7.26 51.28
N MET D 112 -5.05 5.94 51.39
CA MET D 112 -5.84 5.29 52.43
C MET D 112 -5.01 4.84 53.63
N GLY D 113 -3.68 4.92 53.55
CA GLY D 113 -2.84 4.49 54.64
C GLY D 113 -3.04 3.02 54.96
N PRO D 114 -3.35 2.72 56.23
CA PRO D 114 -3.44 1.32 56.66
C PRO D 114 -4.79 0.65 56.40
N ASP D 115 -5.77 1.33 55.80
CA ASP D 115 -7.08 0.70 55.60
C ASP D 115 -7.05 -0.30 54.46
N GLN D 116 -8.06 -1.16 54.44
CA GLN D 116 -8.22 -2.26 53.49
C GLN D 116 -6.91 -3.00 53.25
N PRO D 117 -6.25 -3.51 54.29
CA PRO D 117 -5.08 -4.37 54.04
C PRO D 117 -5.49 -5.63 53.31
N ILE D 118 -4.67 -6.03 52.34
CA ILE D 118 -4.95 -7.27 51.61
C ILE D 118 -4.24 -8.47 52.21
N ALA D 119 -3.39 -8.27 53.22
CA ALA D 119 -2.74 -9.36 53.91
C ALA D 119 -2.56 -8.99 55.37
N SER D 120 -2.07 -9.95 56.15
CA SER D 120 -1.82 -9.73 57.58
C SER D 120 -0.67 -8.76 57.77
N ASN D 121 -0.79 -7.90 58.78
CA ASN D 121 0.33 -7.06 59.17
C ASN D 121 1.22 -7.73 60.21
N SER D 122 0.98 -9.00 60.51
CA SER D 122 1.75 -9.76 61.49
C SER D 122 2.95 -10.48 60.89
N THR D 123 3.23 -10.26 59.60
CA THR D 123 4.36 -10.89 58.96
C THR D 123 4.99 -9.90 58.00
N ALA D 124 6.29 -10.08 57.73
CA ALA D 124 6.97 -9.20 56.80
C ALA D 124 6.42 -9.37 55.38
N ASP D 125 6.08 -10.60 55.00
CA ASP D 125 5.51 -10.85 53.69
C ASP D 125 4.17 -10.14 53.51
N GLY D 126 3.40 -10.01 54.58
CA GLY D 126 2.09 -9.40 54.50
C GLY D 126 2.17 -7.90 54.51
N ARG D 127 3.04 -7.36 55.38
CA ARG D 127 3.29 -5.92 55.38
C ARG D 127 3.76 -5.46 54.00
N ALA D 128 4.60 -6.26 53.34
CA ALA D 128 5.05 -5.91 52.00
C ALA D 128 3.88 -5.89 51.01
N GLN D 129 2.98 -6.87 51.11
CA GLN D 129 1.82 -6.89 50.22
C GLN D 129 0.93 -5.67 50.44
N ASN D 130 0.83 -5.19 51.68
CA ASN D 130 -0.09 -4.09 51.97
C ASN D 130 0.44 -2.76 51.46
N ARG D 131 1.76 -2.60 51.38
CA ARG D 131 2.35 -1.41 50.76
C ARG D 131 2.19 -1.56 49.25
N ARG D 132 1.21 -0.86 48.69
CA ARG D 132 0.85 -1.03 47.28
C ARG D 132 0.10 0.20 46.81
N VAL D 133 0.07 0.37 45.49
CA VAL D 133 -0.83 1.31 44.83
C VAL D 133 -1.78 0.50 43.98
N GLU D 134 -3.07 0.84 44.05
CA GLU D 134 -4.10 0.19 43.26
C GLU D 134 -4.68 1.17 42.26
N VAL D 135 -4.82 0.72 41.02
CA VAL D 135 -5.45 1.50 39.95
C VAL D 135 -6.77 0.84 39.62
N ASN D 136 -7.88 1.55 39.86
CA ASN D 136 -9.21 1.05 39.59
C ASN D 136 -9.75 1.69 38.32
N LEU D 137 -10.18 0.85 37.37
CA LEU D 137 -10.80 1.31 36.13
C LEU D 137 -12.30 1.02 36.20
N ARG D 138 -13.10 2.07 36.18
CA ARG D 138 -14.56 1.98 36.32
C ARG D 138 -15.23 2.49 35.06
N PRO D 139 -16.11 1.71 34.44
CA PRO D 139 -16.76 2.18 33.20
C PRO D 139 -17.64 3.39 33.48
N VAL D 140 -17.67 4.30 32.53
CA VAL D 140 -18.63 5.40 32.54
C VAL D 140 -19.62 5.11 31.42
N PRO D 141 -20.88 5.57 31.51
CA PRO D 141 -21.81 5.22 30.42
C PRO D 141 -21.57 6.04 29.16
#